data_7U40
#
_entry.id   7U40
#
_cell.length_a   67.638
_cell.length_b   135.539
_cell.length_c   136.111
_cell.angle_alpha   100.055
_cell.angle_beta   103.071
_cell.angle_gamma   96.364
#
_symmetry.space_group_name_H-M   'P 1'
#
loop_
_entity.id
_entity.type
_entity.pdbx_description
1 polymer "DNA (5'-D(P*CP*AP*CP*GP*AP*GP*CP*CP*TP*GP*AP*TP*CP*GP*GP*AP*CP*AP*AP*GP*A)-3')"
2 polymer "DNA (5'-D(*TP*TP*AP*GP*TP*CP*GP*TP*GP*GP*CP*TP*CP*G)-3')"
3 polymer "DNA (5'-D(P*GP*AP*TP*CP*TP*TP*GP*TP*GP*GP*CP*TP*GP*C)-3')"
4 polymer "DNA (5'-D(P*AP*GP*GP*CP*AP*GP*CP*CP*TP*GP*TP*AP*CP*GP*GP*AP*CP*AP*TP*CP*A)-3')"
5 polymer "DNA (5'-D(P*AP*CP*TP*GP*AP*TP*GP*TP*GP*GP*TP*AP*GP*G)-3')"
6 polymer "DNA (5'-D(*AP*AP*CP*CP*TP*AP*CP*CP*TP*GP*GP*CP*AP*GP*GP*AP*CP*GP*AP*CP*T)-3')"
7 polymer "DNA (5'-D(P*TP*CP*AP*CP*CP*TP*GP*CP*CP*AP*CP*CP*GP*TP*AP*CP*AP*CP*CP*GP*A)-3')"
8 polymer "DNA (5'-D(P*GP*TP*CP*TP*CP*TP*GP*CP*TP*AP*GP*AP*TP*CP*GP*TP*CP*AP*GP*CP*A)-3')"
9 polymer "DNA (5'-D(P*CP*TP*TP*GP*CP*TP*GP*AP*CP*GP*AP*TP*CP*TP*AP*GP*CP*AP*GP*AP*G)-3')"
10 polymer "DNA (5'-D(P*TP*GP*CP*TP*AP*GP*GP*CP*TP*AP*AP*CP*TP*CP*GP*CP*TP*AP*GP*CP*G)-3')"
11 polymer "DNA (5'-D(P*TP*CP*CP*GP*CP*TP*AP*GP*CP*GP*AP*GP*TP*TP*AP*GP*CP*CP*TP*AP*G)-3')"
#
loop_
_entity_poly.entity_id
_entity_poly.type
_entity_poly.pdbx_seq_one_letter_code
_entity_poly.pdbx_strand_id
1 'polydeoxyribonucleotide'
;(DC)(DA)(DC)(DG)(DA)(DG)(DC)(DC)(DT)(DG)(DA)(DT)(DC)(DG)(DG)(DA)(DC)(DA)(DA)(DG)
(DA)
;
A
2 'polydeoxyribonucleotide' (DT)(DT)(DA)(DG)(DT)(DC)(DG)(DT)(DG)(DG)(DC)(DT)(DC)(DG) E
3 'polydeoxyribonucleotide' (DG)(DA)(DT)(DC)(DT)(DT)(DG)(DT)(DG)(DG)(DC)(DT)(DG)(DC) D
4 'polydeoxyribonucleotide'
;(DA)(DG)(DG)(DC)(DA)(DG)(DC)(DC)(DT)(DG)(DT)(DA)(DC)(DG)(DG)(DA)(DC)(DA)(DT)(DC)
(DA)
;
B
5 'polydeoxyribonucleotide' (DA)(DC)(DT)(DG)(DA)(DT)(DG)(DT)(DG)(DG)(DT)(DA)(DG)(DG) F
6 'polydeoxyribonucleotide'
;(DA)(DA)(DC)(DC)(DT)(DA)(DC)(DC)(DT)(DG)(DG)(DC)(DA)(DG)(DG)(DA)(DC)(DG)(DA)(DC)
(DT)
;
C
7 'polydeoxyribonucleotide'
;(DT)(DC)(DA)(DC)(DC)(DT)(DG)(DC)(DC)(DA)(DC)(DC)(DG)(DT)(DA)(DC)(DA)(DC)(DC)(DG)
(DA)
;
M
8 'polydeoxyribonucleotide'
;(DG)(DT)(DC)(DT)(DC)(DT)(DG)(DC)(DT)(DA)(DG)(DA)(DT)(DC)(DG)(DT)(DC)(DA)(DG)(DC)
(DA)
;
X
9 'polydeoxyribonucleotide'
;(DC)(DT)(DT)(DG)(DC)(DT)(DG)(DA)(DC)(DG)(DA)(DT)(DC)(DT)(DA)(DG)(DC)(DA)(DG)(DA)
(DG)
;
Y
10 'polydeoxyribonucleotide'
;(DT)(DG)(DC)(DT)(DA)(DG)(DG)(DC)(DT)(DA)(DA)(DC)(DT)(DC)(DG)(DC)(DT)(DA)(DG)(DC)
(DG)
;
U
11 'polydeoxyribonucleotide'
;(DT)(DC)(DC)(DG)(DC)(DT)(DA)(DG)(DC)(DG)(DA)(DG)(DT)(DT)(DA)(DG)(DC)(DC)(DT)(DA)
(DG)
;
V
#